data_5VCV
#
_entry.id   5VCV
#
_cell.length_a   56.130
_cell.length_b   68.630
_cell.length_c   75.440
_cell.angle_alpha   90.000
_cell.angle_beta   90.000
_cell.angle_gamma   90.000
#
_symmetry.space_group_name_H-M   'P 21 21 21'
#
loop_
_entity.id
_entity.type
_entity.pdbx_description
1 polymer 'Membrane-associated tyrosine- and threonine-specific cdc2-inhibitory kinase'
2 non-polymer 'CHLORIDE ION'
3 non-polymer 1,2-ETHANEDIOL
4 non-polymer N-(2-CHLORO-6-METHYLPHENYL)-2-({6-[4-(2-HYDROXYETHYL)PIPERAZIN-1-YL]-2-METHYLPYRIMIDIN-4-YL}AMINO)-1,3-THIAZOLE-5-CARBOXAMIDE
5 water water
#
_entity_poly.entity_id   1
_entity_poly.type   'polypeptide(L)'
_entity_poly.pdbx_seq_one_letter_code
;MHHHHHHSSGVDLGTENLYFQSMHQLQPRRVSFRGEASETLQSPGYDPSRPESFFQQSFQRLSRLGHGSYGEVFKVRSKE
DGRLYAVKRSMSPFRGPKDRARKLAEVGSHEKVGQHPCCVRLEQAWEEGGILYLQTELCGPSLQQHCEAWGASLPEAQVW
GYLRDTLLALAHLHSQGLVHLDVKPANIFLGPRGRCKLGDFGLLVELG(TPO)AGAGEVQEGDPRYMAPELLQGSYGTAA
DVFSLGLTILEVACNMELPHGGEGWQQLRQGYLPPEFTAGLSSELRSVLVMMLEPDPKLRATAEALLALPVLRQP
;
_entity_poly.pdbx_strand_id   A
#
loop_
_chem_comp.id
_chem_comp.type
_chem_comp.name
_chem_comp.formula
1N1 non-polymer N-(2-CHLORO-6-METHYLPHENYL)-2-({6-[4-(2-HYDROXYETHYL)PIPERAZIN-1-YL]-2-METHYLPYRIMIDIN-4-YL}AMINO)-1,3-THIAZOLE-5-CARBOXAMIDE 'C22 H26 Cl N7 O2 S'
CL non-polymer 'CHLORIDE ION' 'Cl -1'
EDO non-polymer 1,2-ETHANEDIOL 'C2 H6 O2'
#
# COMPACT_ATOMS: atom_id res chain seq x y z
N MET A 23 20.37 -34.09 -6.79
CA MET A 23 19.72 -32.89 -6.23
C MET A 23 18.23 -33.12 -5.97
N HIS A 24 17.78 -32.63 -4.82
CA HIS A 24 16.42 -32.76 -4.32
C HIS A 24 15.95 -31.40 -3.97
N GLN A 25 14.64 -31.20 -3.90
CA GLN A 25 14.10 -29.86 -3.70
C GLN A 25 13.30 -29.78 -2.41
N LEU A 26 13.53 -28.72 -1.63
CA LEU A 26 12.69 -28.42 -0.48
C LEU A 26 11.28 -28.13 -0.94
N GLN A 27 10.34 -28.61 -0.16
CA GLN A 27 8.94 -28.35 -0.41
C GLN A 27 8.64 -26.87 -0.14
N PRO A 28 7.57 -26.37 -0.76
CA PRO A 28 7.18 -24.98 -0.43
C PRO A 28 6.79 -24.84 1.03
N ARG A 29 6.94 -23.66 1.62
CA ARG A 29 6.48 -23.51 2.99
C ARG A 29 5.91 -22.13 3.24
N ARG A 30 4.94 -22.12 4.13
CA ARG A 30 4.21 -20.91 4.44
C ARG A 30 5.15 -19.95 5.11
N VAL A 31 4.90 -18.67 4.87
CA VAL A 31 5.66 -17.61 5.49
C VAL A 31 4.70 -16.87 6.39
N SER A 32 5.02 -16.84 7.69
CA SER A 32 4.17 -16.17 8.66
C SER A 32 5.01 -15.85 9.87
N PHE A 33 4.69 -14.74 10.51
CA PHE A 33 5.41 -14.29 11.68
C PHE A 33 4.54 -14.43 12.95
N ARG A 34 3.45 -15.17 12.84
CA ARG A 34 2.51 -15.29 13.95
C ARG A 34 2.98 -16.30 14.99
N GLY A 35 4.04 -17.04 14.66
CA GLY A 35 4.59 -18.02 15.60
C GLY A 35 3.71 -19.24 15.76
N GLU A 36 2.80 -19.45 14.81
CA GLU A 36 1.84 -20.54 14.92
C GLU A 36 2.53 -21.80 14.44
N ALA A 37 2.00 -22.95 14.84
CA ALA A 37 2.59 -24.22 14.47
C ALA A 37 2.77 -24.28 12.96
N SER A 38 3.94 -24.74 12.52
CA SER A 38 4.24 -24.84 11.09
C SER A 38 3.34 -25.84 10.38
N GLU A 39 2.37 -25.32 9.63
CA GLU A 39 1.52 -26.17 8.80
C GLU A 39 2.11 -26.23 7.39
N THR A 40 2.09 -27.41 6.79
CA THR A 40 2.66 -27.63 5.46
C THR A 40 1.57 -27.59 4.38
N LEU A 41 1.86 -26.90 3.28
CA LEU A 41 0.90 -26.50 2.25
C LEU A 41 0.11 -27.61 1.56
N GLN A 42 -1.17 -27.37 1.30
CA GLN A 42 -2.02 -28.31 0.59
C GLN A 42 -3.06 -27.55 -0.23
N SER A 43 -3.55 -28.21 -1.30
CA SER A 43 -4.59 -27.66 -2.15
C SER A 43 -5.12 -28.74 -3.07
N PRO A 44 -6.43 -28.71 -3.34
CA PRO A 44 -6.86 -29.44 -4.54
C PRO A 44 -5.96 -29.06 -5.73
N GLY A 45 -5.57 -30.07 -6.50
CA GLY A 45 -4.74 -29.89 -7.69
C GLY A 45 -3.25 -29.94 -7.41
N TYR A 46 -2.87 -29.92 -6.13
CA TYR A 46 -1.47 -29.88 -5.73
C TYR A 46 -0.98 -31.21 -5.19
N ASP A 47 0.11 -31.68 -5.76
CA ASP A 47 0.78 -32.90 -5.34
C ASP A 47 2.26 -32.56 -5.12
N PRO A 48 2.75 -32.62 -3.88
CA PRO A 48 4.11 -32.13 -3.71
C PRO A 48 5.20 -32.97 -4.38
N SER A 49 4.89 -34.17 -4.85
CA SER A 49 5.90 -34.94 -5.56
C SER A 49 6.06 -34.50 -7.02
N ARG A 50 5.14 -33.70 -7.56
CA ARG A 50 5.32 -33.16 -8.91
C ARG A 50 6.39 -32.05 -8.95
N PRO A 51 7.02 -31.83 -10.12
CA PRO A 51 8.04 -30.79 -10.21
C PRO A 51 7.46 -29.37 -10.25
N GLU A 52 6.22 -29.22 -10.69
CA GLU A 52 5.61 -27.89 -10.79
C GLU A 52 5.48 -27.25 -9.40
N SER A 53 5.57 -25.92 -9.34
CA SER A 53 5.47 -25.21 -8.07
C SER A 53 4.06 -25.28 -7.52
N PHE A 54 3.94 -25.03 -6.21
CA PHE A 54 2.63 -24.89 -5.60
C PHE A 54 1.77 -23.86 -6.34
N PHE A 55 2.37 -22.75 -6.74
CA PHE A 55 1.63 -21.72 -7.46
C PHE A 55 1.06 -22.23 -8.77
N GLN A 56 1.89 -22.94 -9.52
CA GLN A 56 1.48 -23.47 -10.82
C GLN A 56 0.32 -24.45 -10.67
N GLN A 57 0.38 -25.32 -9.67
CA GLN A 57 -0.58 -26.41 -9.53
C GLN A 57 -1.86 -26.01 -8.87
N SER A 58 -1.79 -24.98 -8.03
CA SER A 58 -2.89 -24.65 -7.12
C SER A 58 -3.78 -23.52 -7.57
N PHE A 59 -3.44 -22.85 -8.65
CA PHE A 59 -4.20 -21.69 -9.11
C PHE A 59 -4.35 -21.76 -10.63
N GLN A 60 -5.45 -21.25 -11.12
CA GLN A 60 -5.61 -20.95 -12.54
C GLN A 60 -5.11 -19.53 -12.76
N ARG A 61 -4.03 -19.36 -13.50
CA ARG A 61 -3.52 -18.05 -13.78
C ARG A 61 -4.37 -17.37 -14.84
N LEU A 62 -4.91 -16.20 -14.55
CA LEU A 62 -5.88 -15.62 -15.48
C LEU A 62 -5.30 -14.52 -16.33
N SER A 63 -4.57 -13.61 -15.69
CA SER A 63 -4.00 -12.48 -16.37
C SER A 63 -2.90 -11.91 -15.49
N ARG A 64 -2.08 -11.05 -16.08
CA ARG A 64 -1.06 -10.35 -15.30
C ARG A 64 -1.58 -8.95 -15.03
N LEU A 65 -1.55 -8.56 -13.78
CA LEU A 65 -2.02 -7.24 -13.35
C LEU A 65 -0.90 -6.21 -13.34
N GLY A 66 0.34 -6.65 -13.11
CA GLY A 66 1.44 -5.72 -12.98
C GLY A 66 2.77 -6.41 -12.94
N HIS A 67 3.85 -5.65 -13.06
CA HIS A 67 5.19 -6.23 -13.01
C HIS A 67 6.18 -5.10 -12.67
N GLY A 68 7.44 -5.45 -12.41
CA GLY A 68 8.47 -4.50 -12.02
C GLY A 68 9.72 -5.28 -11.64
N SER A 69 10.75 -4.61 -11.13
CA SER A 69 12.00 -5.34 -10.82
C SER A 69 11.76 -6.34 -9.70
N TYR A 70 10.68 -6.13 -8.94
CA TYR A 70 10.31 -7.01 -7.85
C TYR A 70 9.80 -8.35 -8.33
N GLY A 71 9.18 -8.37 -9.50
CA GLY A 71 8.52 -9.58 -10.01
C GLY A 71 7.22 -9.24 -10.71
N GLU A 72 6.17 -10.01 -10.42
CA GLU A 72 4.91 -9.89 -11.16
C GLU A 72 3.72 -10.09 -10.25
N VAL A 73 2.59 -9.48 -10.61
CA VAL A 73 1.33 -9.70 -9.91
C VAL A 73 0.34 -10.26 -10.87
N PHE A 74 -0.28 -11.38 -10.50
CA PHE A 74 -1.26 -12.05 -11.36
C PHE A 74 -2.62 -12.07 -10.72
N LYS A 75 -3.65 -11.97 -11.57
CA LYS A 75 -5.01 -12.36 -11.21
C LYS A 75 -5.15 -13.86 -11.37
N VAL A 76 -5.66 -14.56 -10.35
CA VAL A 76 -5.74 -16.01 -10.38
C VAL A 76 -7.04 -16.48 -9.80
N ARG A 77 -7.40 -17.72 -10.10
CA ARG A 77 -8.47 -18.35 -9.38
C ARG A 77 -7.91 -19.50 -8.54
N SER A 78 -8.30 -19.52 -7.28
CA SER A 78 -7.82 -20.52 -6.35
C SER A 78 -8.54 -21.84 -6.58
N LYS A 79 -7.79 -22.91 -6.64
CA LYS A 79 -8.38 -24.24 -6.69
C LYS A 79 -8.89 -24.68 -5.31
N GLU A 80 -8.40 -24.03 -4.26
CA GLU A 80 -8.85 -24.35 -2.90
C GLU A 80 -10.30 -23.94 -2.67
N ASP A 81 -10.69 -22.73 -3.09
CA ASP A 81 -12.03 -22.22 -2.81
C ASP A 81 -12.76 -21.64 -4.00
N GLY A 82 -12.17 -21.70 -5.18
CA GLY A 82 -12.86 -21.23 -6.35
C GLY A 82 -12.97 -19.71 -6.43
N ARG A 83 -12.32 -18.98 -5.54
CA ARG A 83 -12.41 -17.50 -5.56
C ARG A 83 -11.25 -16.87 -6.30
N LEU A 84 -11.45 -15.63 -6.73
CA LEU A 84 -10.39 -14.84 -7.38
C LEU A 84 -9.49 -14.17 -6.35
N TYR A 85 -8.19 -14.12 -6.67
CA TYR A 85 -7.17 -13.48 -5.83
C TYR A 85 -6.17 -12.79 -6.71
N ALA A 86 -5.33 -11.97 -6.07
CA ALA A 86 -4.12 -11.46 -6.66
C ALA A 86 -2.93 -12.17 -6.05
N VAL A 87 -1.96 -12.57 -6.86
CA VAL A 87 -0.73 -13.16 -6.31
C VAL A 87 0.48 -12.47 -6.86
N LYS A 88 1.30 -11.98 -5.95
CA LYS A 88 2.58 -11.36 -6.26
C LYS A 88 3.68 -12.41 -6.10
N ARG A 89 4.52 -12.52 -7.10
CA ARG A 89 5.57 -13.55 -7.17
C ARG A 89 6.88 -12.83 -7.39
N SER A 90 7.88 -13.06 -6.54
CA SER A 90 9.15 -12.36 -6.75
C SER A 90 9.81 -12.85 -8.03
N MET A 91 10.75 -12.07 -8.55
CA MET A 91 11.36 -12.40 -9.81
C MET A 91 12.35 -13.56 -9.79
N SER A 92 13.30 -13.53 -8.86
CA SER A 92 14.44 -14.46 -8.90
C SER A 92 14.74 -14.90 -7.49
N PRO A 93 15.45 -16.02 -7.33
CA PRO A 93 15.67 -16.50 -5.96
C PRO A 93 16.43 -15.48 -5.10
N PHE A 94 16.08 -15.44 -3.83
CA PHE A 94 16.87 -14.75 -2.82
C PHE A 94 18.37 -14.83 -3.09
N ARG A 95 19.07 -13.70 -3.00
CA ARG A 95 20.51 -13.63 -3.21
C ARG A 95 21.30 -14.09 -1.98
N GLY A 96 20.66 -14.08 -0.82
CA GLY A 96 21.33 -14.47 0.42
C GLY A 96 20.38 -14.32 1.57
N PRO A 97 20.82 -14.62 2.79
CA PRO A 97 19.92 -14.65 3.95
C PRO A 97 19.31 -13.32 4.27
N LYS A 98 20.07 -12.24 4.12
CA LYS A 98 19.55 -10.92 4.45
C LYS A 98 18.57 -10.44 3.39
N ASP A 99 18.88 -10.70 2.12
CA ASP A 99 17.93 -10.46 1.03
C ASP A 99 16.64 -11.19 1.32
N ARG A 100 16.74 -12.46 1.70
CA ARG A 100 15.53 -13.22 2.00
C ARG A 100 14.79 -12.58 3.17
N ALA A 101 15.50 -12.23 4.23
CA ALA A 101 14.85 -11.63 5.40
C ALA A 101 14.08 -10.36 5.03
N ARG A 102 14.72 -9.52 4.21
CA ARG A 102 14.14 -8.22 3.86
C ARG A 102 12.88 -8.40 3.05
N LYS A 103 12.87 -9.40 2.17
CA LYS A 103 11.68 -9.65 1.37
C LYS A 103 10.56 -10.29 2.20
N LEU A 104 10.92 -11.29 2.99
CA LEU A 104 9.93 -11.93 3.85
C LEU A 104 9.29 -10.93 4.83
N ALA A 105 9.99 -9.84 5.16
CA ALA A 105 9.47 -8.89 6.15
C ALA A 105 8.23 -8.21 5.65
N GLU A 106 8.04 -8.15 4.33
CA GLU A 106 6.79 -7.62 3.81
C GLU A 106 5.59 -8.41 4.36
N VAL A 107 5.76 -9.73 4.51
CA VAL A 107 4.65 -10.54 5.00
C VAL A 107 4.36 -10.18 6.47
N GLY A 108 5.42 -10.02 7.24
CA GLY A 108 5.28 -9.66 8.64
C GLY A 108 4.61 -8.29 8.80
N SER A 109 4.99 -7.33 7.98
CA SER A 109 4.33 -6.02 7.99
C SER A 109 2.86 -6.11 7.66
N HIS A 110 2.57 -6.87 6.59
CA HIS A 110 1.21 -7.05 6.10
C HIS A 110 0.36 -7.75 7.15
N GLU A 111 0.93 -8.72 7.86
CA GLU A 111 0.22 -9.39 8.95
C GLU A 111 -0.07 -8.46 10.10
N LYS A 112 0.77 -7.46 10.31
CA LYS A 112 0.54 -6.51 11.38
C LYS A 112 -0.67 -5.64 11.09
N VAL A 113 -0.99 -5.46 9.82
CA VAL A 113 -2.15 -4.66 9.42
C VAL A 113 -3.45 -5.42 9.71
N GLY A 114 -3.41 -6.74 9.65
CA GLY A 114 -4.59 -7.53 9.95
C GLY A 114 -5.71 -7.36 8.95
N GLN A 115 -6.94 -7.52 9.41
CA GLN A 115 -8.09 -7.42 8.54
C GLN A 115 -8.72 -6.04 8.78
N HIS A 116 -8.91 -5.31 7.70
CA HIS A 116 -9.58 -4.02 7.78
C HIS A 116 -10.24 -3.74 6.43
N PRO A 117 -11.47 -3.19 6.43
CA PRO A 117 -12.19 -3.04 5.16
C PRO A 117 -11.56 -2.04 4.19
N CYS A 118 -10.68 -1.17 4.68
CA CYS A 118 -9.97 -0.21 3.84
C CYS A 118 -8.51 -0.56 3.69
N CYS A 119 -8.15 -1.82 3.97
CA CYS A 119 -6.80 -2.34 3.73
C CYS A 119 -6.88 -3.61 2.92
N VAL A 120 -5.95 -3.78 1.98
CA VAL A 120 -5.89 -4.98 1.14
C VAL A 120 -5.57 -6.16 2.03
N ARG A 121 -6.42 -7.18 2.02
CA ARG A 121 -6.27 -8.31 2.92
C ARG A 121 -5.29 -9.36 2.36
N LEU A 122 -4.34 -9.79 3.19
CA LEU A 122 -3.45 -10.88 2.84
C LEU A 122 -4.10 -12.21 3.21
N GLU A 123 -4.28 -13.08 2.22
CA GLU A 123 -4.86 -14.41 2.46
C GLU A 123 -3.79 -15.37 2.95
N GLN A 124 -2.64 -15.45 2.27
CA GLN A 124 -1.54 -16.28 2.70
C GLN A 124 -0.29 -15.93 1.90
N ALA A 125 0.86 -16.39 2.39
CA ALA A 125 2.14 -16.19 1.75
C ALA A 125 2.95 -17.46 1.91
N TRP A 126 3.81 -17.71 0.93
CA TRP A 126 4.68 -18.86 0.96
C TRP A 126 5.91 -18.59 0.14
N GLU A 127 6.94 -19.39 0.39
CA GLU A 127 8.16 -19.33 -0.38
C GLU A 127 8.44 -20.69 -1.00
N GLU A 128 9.01 -20.70 -2.18
CA GLU A 128 9.37 -21.96 -2.81
C GLU A 128 10.48 -21.70 -3.78
N GLY A 129 11.56 -22.46 -3.69
CA GLY A 129 12.69 -22.29 -4.57
C GLY A 129 13.31 -20.89 -4.52
N GLY A 130 13.25 -20.25 -3.37
CA GLY A 130 13.86 -18.93 -3.23
C GLY A 130 12.94 -17.81 -3.68
N ILE A 131 11.74 -18.17 -4.10
CA ILE A 131 10.74 -17.23 -4.61
C ILE A 131 9.66 -17.01 -3.58
N LEU A 132 9.26 -15.75 -3.42
CA LEU A 132 8.24 -15.40 -2.43
C LEU A 132 6.95 -15.11 -3.13
N TYR A 133 5.86 -15.64 -2.58
CA TYR A 133 4.52 -15.42 -3.09
C TYR A 133 3.61 -14.85 -2.02
N LEU A 134 2.92 -13.76 -2.36
CA LEU A 134 1.91 -13.15 -1.49
C LEU A 134 0.56 -13.19 -2.20
N GLN A 135 -0.43 -13.77 -1.57
CA GLN A 135 -1.75 -13.93 -2.15
C GLN A 135 -2.69 -12.99 -1.38
N THR A 136 -3.27 -11.99 -2.06
CA THR A 136 -4.24 -11.08 -1.43
C THR A 136 -5.62 -11.24 -2.05
N GLU A 137 -6.61 -10.62 -1.43
CA GLU A 137 -7.85 -10.42 -2.12
C GLU A 137 -7.60 -9.68 -3.43
N LEU A 138 -8.44 -9.94 -4.40
CA LEU A 138 -8.40 -9.22 -5.66
C LEU A 138 -9.23 -7.96 -5.52
N CYS A 139 -8.63 -6.83 -5.83
CA CYS A 139 -9.33 -5.55 -5.79
C CYS A 139 -9.49 -5.02 -7.20
N GLY A 140 -10.15 -3.88 -7.32
CA GLY A 140 -10.19 -3.19 -8.58
C GLY A 140 -8.84 -2.53 -8.88
N PRO A 141 -8.80 -1.69 -9.93
CA PRO A 141 -7.54 -1.04 -10.31
C PRO A 141 -7.00 -0.08 -9.26
N SER A 142 -5.73 0.26 -9.36
CA SER A 142 -5.19 1.28 -8.49
C SER A 142 -5.81 2.62 -8.76
N LEU A 143 -5.71 3.51 -7.80
CA LEU A 143 -6.23 4.85 -7.99
C LEU A 143 -5.45 5.55 -9.10
N GLN A 144 -4.15 5.26 -9.19
CA GLN A 144 -3.34 5.75 -10.30
C GLN A 144 -3.95 5.38 -11.62
N GLN A 145 -4.26 4.11 -11.81
CA GLN A 145 -4.83 3.62 -13.08
C GLN A 145 -6.15 4.26 -13.38
N HIS A 146 -6.98 4.32 -12.35
CA HIS A 146 -8.30 4.91 -12.52
C HIS A 146 -8.22 6.35 -13.02
N CYS A 147 -7.38 7.15 -12.37
CA CYS A 147 -7.22 8.55 -12.75
C CYS A 147 -6.62 8.73 -14.14
N GLU A 148 -5.67 7.87 -14.47
CA GLU A 148 -5.10 7.87 -15.79
C GLU A 148 -6.18 7.65 -16.85
N ALA A 149 -7.09 6.72 -16.56
CA ALA A 149 -8.20 6.40 -17.44
C ALA A 149 -9.18 7.54 -17.50
N TRP A 150 -9.41 8.17 -16.36
CA TRP A 150 -10.38 9.23 -16.21
C TRP A 150 -9.96 10.43 -17.04
N GLY A 151 -8.67 10.71 -17.04
CA GLY A 151 -8.12 11.77 -17.87
C GLY A 151 -8.49 13.18 -17.47
N ALA A 152 -8.84 13.37 -16.20
CA ALA A 152 -9.31 14.66 -15.70
C ALA A 152 -9.28 14.62 -14.19
N SER A 153 -9.60 15.74 -13.56
CA SER A 153 -9.77 15.76 -12.12
C SER A 153 -10.92 14.84 -11.72
N LEU A 154 -10.79 14.12 -10.60
CA LEU A 154 -11.92 13.36 -10.13
C LEU A 154 -13.03 14.28 -9.62
N PRO A 155 -14.29 13.87 -9.80
CA PRO A 155 -15.38 14.60 -9.12
C PRO A 155 -15.14 14.64 -7.61
N GLU A 156 -15.34 15.79 -6.96
CA GLU A 156 -15.02 15.89 -5.53
C GLU A 156 -15.75 14.89 -4.64
N ALA A 157 -16.97 14.51 -4.99
CA ALA A 157 -17.69 13.50 -4.23
C ALA A 157 -16.87 12.23 -4.16
N GLN A 158 -16.28 11.82 -5.29
CA GLN A 158 -15.41 10.65 -5.32
C GLN A 158 -14.21 10.85 -4.40
N VAL A 159 -13.60 12.04 -4.50
CA VAL A 159 -12.39 12.36 -3.75
C VAL A 159 -12.67 12.21 -2.25
N TRP A 160 -13.77 12.76 -1.79
CA TRP A 160 -14.07 12.68 -0.36
C TRP A 160 -14.14 11.27 0.14
N GLY A 161 -14.71 10.39 -0.69
CA GLY A 161 -14.92 9.00 -0.31
C GLY A 161 -13.59 8.26 -0.22
N TYR A 162 -12.71 8.52 -1.18
CA TYR A 162 -11.36 7.97 -1.15
C TYR A 162 -10.52 8.52 -0.02
N LEU A 163 -10.63 9.82 0.24
CA LEU A 163 -9.94 10.42 1.35
C LEU A 163 -10.38 9.78 2.67
N ARG A 164 -11.67 9.68 2.87
CA ARG A 164 -12.19 9.00 4.07
C ARG A 164 -11.66 7.56 4.19
N ASP A 165 -11.75 6.77 3.14
CA ASP A 165 -11.40 5.35 3.28
C ASP A 165 -9.91 5.23 3.59
N THR A 166 -9.11 6.06 2.94
CA THR A 166 -7.67 5.95 3.14
C THR A 166 -7.31 6.49 4.50
N LEU A 167 -8.05 7.50 5.00
CA LEU A 167 -7.84 7.94 6.36
C LEU A 167 -8.26 6.87 7.38
N LEU A 168 -9.34 6.17 7.11
CA LEU A 168 -9.72 5.05 7.98
C LEU A 168 -8.61 4.02 8.05
N ALA A 169 -7.98 3.72 6.92
CA ALA A 169 -6.85 2.79 6.90
C ALA A 169 -5.69 3.34 7.73
N LEU A 170 -5.37 4.62 7.56
CA LEU A 170 -4.27 5.19 8.32
C LEU A 170 -4.56 5.23 9.83
N ALA A 171 -5.79 5.56 10.22
CA ALA A 171 -6.11 5.59 11.66
C ALA A 171 -5.90 4.22 12.27
N HIS A 172 -6.27 3.21 11.49
CA HIS A 172 -6.18 1.83 11.89
C HIS A 172 -4.72 1.44 12.13
N LEU A 173 -3.85 1.90 11.23
CA LEU A 173 -2.41 1.65 11.32
C LEU A 173 -1.79 2.45 12.46
N HIS A 174 -2.09 3.73 12.46
CA HIS A 174 -1.41 4.66 13.34
C HIS A 174 -1.68 4.42 14.82
N SER A 175 -2.91 4.01 15.15
CA SER A 175 -3.26 3.77 16.56
C SER A 175 -2.56 2.54 17.08
N GLN A 176 -1.99 1.77 16.18
CA GLN A 176 -1.17 0.62 16.54
C GLN A 176 0.33 0.92 16.42
N GLY A 177 0.68 2.19 16.21
CA GLY A 177 2.08 2.53 16.08
C GLY A 177 2.75 2.09 14.78
N LEU A 178 1.96 1.90 13.72
CA LEU A 178 2.48 1.51 12.40
C LEU A 178 2.49 2.72 11.45
N VAL A 179 3.55 2.85 10.67
CA VAL A 179 3.65 3.88 9.63
C VAL A 179 3.81 3.17 8.29
N HIS A 180 2.98 3.53 7.33
CA HIS A 180 2.97 2.88 6.02
C HIS A 180 4.18 3.27 5.14
N LEU A 181 4.45 4.57 5.16
CA LEU A 181 5.58 5.23 4.49
C LEU A 181 5.58 5.26 2.95
N ASP A 182 4.58 4.68 2.30
CA ASP A 182 4.50 4.84 0.84
C ASP A 182 3.08 5.02 0.33
N VAL A 183 2.32 5.91 0.96
CA VAL A 183 0.97 6.22 0.54
C VAL A 183 1.03 6.98 -0.78
N LYS A 184 0.37 6.48 -1.82
CA LYS A 184 0.33 7.15 -3.12
C LYS A 184 -0.72 6.43 -3.96
N PRO A 185 -1.15 7.03 -5.09
CA PRO A 185 -2.25 6.45 -5.87
C PRO A 185 -1.96 5.05 -6.38
N ALA A 186 -0.71 4.73 -6.71
CA ALA A 186 -0.35 3.39 -7.16
C ALA A 186 -0.56 2.32 -6.07
N ASN A 187 -0.68 2.75 -4.82
CA ASN A 187 -0.78 1.79 -3.69
C ASN A 187 -2.15 1.81 -3.01
N ILE A 188 -3.12 2.38 -3.70
CA ILE A 188 -4.51 2.43 -3.25
C ILE A 188 -5.36 1.78 -4.34
N PHE A 189 -6.21 0.83 -3.95
CA PHE A 189 -6.98 0.07 -4.91
C PHE A 189 -8.48 0.27 -4.72
N LEU A 190 -9.16 0.46 -5.84
CA LEU A 190 -10.57 0.69 -5.83
C LEU A 190 -11.40 -0.55 -5.52
N GLY A 191 -12.60 -0.29 -5.04
CA GLY A 191 -13.54 -1.36 -4.78
C GLY A 191 -14.89 -0.83 -5.13
N PRO A 192 -15.92 -1.64 -4.87
CA PRO A 192 -17.22 -1.28 -5.43
C PRO A 192 -17.74 -0.05 -4.73
N ARG A 193 -18.61 0.70 -5.38
CA ARG A 193 -19.41 1.71 -4.70
C ARG A 193 -18.53 2.82 -4.14
N GLY A 194 -17.45 3.14 -4.86
CA GLY A 194 -16.64 4.29 -4.54
C GLY A 194 -15.75 4.12 -3.36
N ARG A 195 -15.53 2.87 -2.97
CA ARG A 195 -14.65 2.59 -1.83
C ARG A 195 -13.24 2.38 -2.30
N CYS A 196 -12.29 2.39 -1.37
CA CYS A 196 -10.93 2.01 -1.73
C CYS A 196 -10.16 1.47 -0.55
N LYS A 197 -9.06 0.78 -0.88
CA LYS A 197 -8.24 0.09 0.10
C LYS A 197 -6.76 0.43 -0.09
N LEU A 198 -6.10 0.72 1.02
CA LEU A 198 -4.66 0.88 1.05
C LEU A 198 -3.96 -0.47 0.96
N GLY A 199 -2.93 -0.57 0.13
CA GLY A 199 -2.17 -1.78 -0.02
C GLY A 199 -0.68 -1.53 0.02
N ASP A 200 0.10 -2.51 -0.43
CA ASP A 200 1.57 -2.42 -0.53
C ASP A 200 2.25 -2.03 0.77
N PHE A 201 2.34 -2.97 1.69
CA PHE A 201 2.84 -2.68 3.04
C PHE A 201 4.34 -3.02 3.15
N GLY A 202 5.01 -3.04 2.02
CA GLY A 202 6.40 -3.44 1.95
C GLY A 202 7.34 -2.50 2.69
N LEU A 203 6.96 -1.24 2.83
CA LEU A 203 7.78 -0.30 3.59
C LEU A 203 7.24 0.02 4.98
N LEU A 204 6.19 -0.67 5.39
CA LEU A 204 5.53 -0.31 6.64
C LEU A 204 6.43 -0.69 7.82
N VAL A 205 6.50 0.18 8.83
CA VAL A 205 7.35 -0.08 10.00
C VAL A 205 6.52 0.05 11.25
N GLU A 206 6.83 -0.75 12.26
CA GLU A 206 6.23 -0.60 13.57
C GLU A 206 7.18 0.27 14.36
N LEU A 207 6.69 1.42 14.85
CA LEU A 207 7.50 2.32 15.68
C LEU A 207 7.87 1.72 17.04
N GLY A 208 9.07 2.03 17.50
CA GLY A 208 9.41 1.77 18.90
C GLY A 208 9.42 0.30 19.24
N TPO A 209 9.92 -0.49 18.30
CA TPO A 209 10.20 -1.90 18.51
CB TPO A 209 9.00 -2.79 18.05
CG2 TPO A 209 8.92 -2.90 16.52
OG1 TPO A 209 9.12 -4.11 18.61
P TPO A 209 8.14 -4.35 19.88
O1P TPO A 209 8.38 -3.27 21.06
O2P TPO A 209 8.47 -5.68 20.42
O3P TPO A 209 6.57 -4.37 19.49
C TPO A 209 11.49 -2.19 17.75
O TPO A 209 12.14 -1.27 17.26
HA TPO A 209 10.36 -2.07 19.47
HB TPO A 209 8.08 -2.35 18.41
HG21 TPO A 209 8.07 -3.53 16.24
HG22 TPO A 209 9.84 -3.34 16.14
HG23 TPO A 209 8.78 -1.91 16.09
N ALA A 210 11.88 -3.45 17.63
CA ALA A 210 13.10 -3.79 16.89
C ALA A 210 12.96 -3.37 15.43
N GLY A 211 14.05 -3.40 14.69
CA GLY A 211 14.01 -3.19 13.24
C GLY A 211 14.03 -1.74 12.79
N ALA A 212 14.40 -0.83 13.69
CA ALA A 212 14.54 0.57 13.30
C ALA A 212 15.64 0.72 12.23
N GLY A 213 16.55 -0.25 12.20
CA GLY A 213 17.65 -0.24 11.24
C GLY A 213 17.21 -0.45 9.79
N GLU A 214 16.07 -1.09 9.59
CA GLU A 214 15.61 -1.44 8.24
C GLU A 214 14.50 -0.53 7.72
N VAL A 215 14.44 0.71 8.21
CA VAL A 215 13.35 1.61 7.81
C VAL A 215 13.81 2.46 6.63
N GLN A 216 12.94 2.61 5.63
CA GLN A 216 13.28 3.31 4.40
C GLN A 216 12.11 4.17 3.94
N GLU A 217 12.40 5.40 3.52
CA GLU A 217 11.38 6.31 3.02
C GLU A 217 10.74 5.81 1.69
N GLY A 218 9.54 6.29 1.37
CA GLY A 218 8.83 5.86 0.19
C GLY A 218 9.12 6.74 -1.01
N ASP A 219 8.22 6.72 -1.97
CA ASP A 219 8.35 7.46 -3.23
C ASP A 219 8.65 8.96 -2.98
N PRO A 220 9.77 9.47 -3.53
CA PRO A 220 10.13 10.87 -3.27
C PRO A 220 9.08 11.92 -3.74
N ARG A 221 8.25 11.58 -4.72
CA ARG A 221 7.18 12.51 -5.15
C ARG A 221 6.15 12.87 -4.06
N TYR A 222 5.94 11.94 -3.14
CA TYR A 222 4.89 12.02 -2.13
C TYR A 222 5.46 12.18 -0.71
N MET A 223 6.79 12.25 -0.62
CA MET A 223 7.49 12.20 0.66
C MET A 223 7.29 13.44 1.50
N ALA A 224 7.09 13.22 2.79
CA ALA A 224 6.94 14.32 3.73
C ALA A 224 8.23 15.02 3.96
N PRO A 225 8.18 16.33 4.33
CA PRO A 225 9.41 17.12 4.46
C PRO A 225 10.36 16.65 5.58
N GLU A 226 9.80 16.19 6.69
CA GLU A 226 10.64 15.82 7.82
C GLU A 226 11.60 14.69 7.43
N LEU A 227 11.23 13.91 6.42
CA LEU A 227 12.07 12.77 6.04
C LEU A 227 13.41 13.24 5.43
N LEU A 228 13.45 14.49 5.00
CA LEU A 228 14.69 15.01 4.43
C LEU A 228 15.75 15.05 5.51
N GLN A 229 15.34 15.23 6.76
CA GLN A 229 16.28 15.27 7.86
C GLN A 229 16.33 13.94 8.56
N GLY A 230 15.76 12.91 7.96
CA GLY A 230 15.80 11.60 8.57
C GLY A 230 14.68 11.29 9.55
N SER A 231 13.79 12.23 9.81
CA SER A 231 12.76 12.06 10.84
C SER A 231 11.47 11.54 10.24
N TYR A 232 10.82 10.65 11.01
CA TYR A 232 9.54 10.09 10.57
C TYR A 232 8.67 9.74 11.76
N GLY A 233 7.41 9.50 11.44
CA GLY A 233 6.40 9.19 12.43
C GLY A 233 5.13 9.04 11.63
N THR A 234 4.03 8.85 12.32
CA THR A 234 2.77 8.60 11.67
C THR A 234 2.38 9.80 10.81
N ALA A 235 2.78 11.00 11.22
CA ALA A 235 2.41 12.19 10.49
C ALA A 235 2.88 12.17 9.04
N ALA A 236 3.97 11.46 8.75
CA ALA A 236 4.48 11.41 7.37
C ALA A 236 3.44 10.86 6.37
N ASP A 237 2.66 9.86 6.80
CA ASP A 237 1.58 9.28 5.99
C ASP A 237 0.50 10.29 5.69
N VAL A 238 0.18 11.14 6.67
CA VAL A 238 -0.91 12.12 6.49
C VAL A 238 -0.49 13.11 5.40
N PHE A 239 0.78 13.52 5.44
CA PHE A 239 1.33 14.38 4.38
C PHE A 239 1.34 13.67 3.03
N SER A 240 1.82 12.43 2.95
CA SER A 240 1.77 11.73 1.67
C SER A 240 0.33 11.59 1.10
N LEU A 241 -0.63 11.31 1.98
CA LEU A 241 -2.01 11.21 1.56
C LEU A 241 -2.54 12.55 1.10
N GLY A 242 -2.10 13.62 1.76
CA GLY A 242 -2.42 14.95 1.28
C GLY A 242 -2.02 15.16 -0.16
N LEU A 243 -0.78 14.79 -0.50
CA LEU A 243 -0.34 14.97 -1.87
C LEU A 243 -1.05 14.02 -2.83
N THR A 244 -1.34 12.81 -2.37
CA THR A 244 -2.17 11.86 -3.11
C THR A 244 -3.50 12.46 -3.49
N ILE A 245 -4.18 13.07 -2.54
CA ILE A 245 -5.48 13.65 -2.79
C ILE A 245 -5.36 14.90 -3.69
N LEU A 246 -4.36 15.74 -3.43
CA LEU A 246 -4.09 16.87 -4.32
C LEU A 246 -3.95 16.43 -5.78
N GLU A 247 -3.10 15.42 -5.99
CA GLU A 247 -2.88 14.90 -7.34
C GLU A 247 -4.18 14.51 -8.02
N VAL A 248 -4.96 13.66 -7.37
CA VAL A 248 -6.15 13.11 -8.03
C VAL A 248 -7.30 14.09 -8.09
N ALA A 249 -7.38 14.99 -7.11
CA ALA A 249 -8.43 16.00 -7.10
C ALA A 249 -8.21 17.11 -8.13
N CYS A 250 -6.95 17.38 -8.47
CA CYS A 250 -6.61 18.47 -9.38
C CYS A 250 -6.05 18.01 -10.71
N ASN A 251 -5.89 16.71 -10.87
CA ASN A 251 -5.24 16.14 -12.05
C ASN A 251 -3.88 16.79 -12.29
N MET A 252 -3.14 16.93 -11.19
CA MET A 252 -1.85 17.60 -11.20
C MET A 252 -0.71 16.60 -11.26
N GLU A 253 0.28 16.87 -12.10
CA GLU A 253 1.49 16.07 -12.10
C GLU A 253 2.35 16.62 -11.00
N LEU A 254 2.64 15.81 -10.00
CA LEU A 254 3.44 16.27 -8.88
C LEU A 254 4.90 16.37 -9.33
N PRO A 255 5.59 17.43 -8.92
CA PRO A 255 7.01 17.57 -9.27
C PRO A 255 7.88 16.54 -8.62
N HIS A 256 8.95 16.20 -9.30
CA HIS A 256 9.94 15.28 -8.76
C HIS A 256 11.02 15.98 -7.96
N GLY A 257 11.11 17.29 -8.08
CA GLY A 257 12.11 18.05 -7.35
C GLY A 257 12.05 19.50 -7.72
N GLY A 258 13.00 20.27 -7.22
CA GLY A 258 13.13 21.66 -7.58
C GLY A 258 12.22 22.51 -6.74
N GLU A 259 12.08 23.78 -7.10
CA GLU A 259 11.26 24.71 -6.37
C GLU A 259 9.81 24.26 -6.22
N GLY A 260 9.30 23.62 -7.23
CA GLY A 260 7.94 23.11 -7.19
C GLY A 260 7.74 22.07 -6.10
N TRP A 261 8.69 21.15 -6.01
CA TRP A 261 8.65 20.09 -5.00
C TRP A 261 8.78 20.73 -3.62
N GLN A 262 9.70 21.68 -3.51
CA GLN A 262 10.01 22.30 -2.23
C GLN A 262 8.88 23.19 -1.72
N GLN A 263 8.24 23.93 -2.61
CA GLN A 263 7.08 24.77 -2.22
C GLN A 263 5.91 23.96 -1.64
N LEU A 264 5.73 22.75 -2.13
CA LEU A 264 4.68 21.87 -1.61
C LEU A 264 5.01 21.39 -0.21
N ARG A 265 6.28 21.49 0.18
CA ARG A 265 6.71 21.12 1.52
C ARG A 265 6.80 22.34 2.45
N GLN A 266 6.36 23.49 1.98
CA GLN A 266 6.45 24.73 2.75
C GLN A 266 5.09 25.36 2.95
N GLY A 267 4.04 24.55 2.87
CA GLY A 267 2.69 25.04 3.15
C GLY A 267 2.03 25.87 2.07
N TYR A 268 2.49 25.74 0.83
CA TYR A 268 1.97 26.52 -0.29
C TYR A 268 1.25 25.63 -1.29
N LEU A 269 0.11 26.07 -1.82
CA LEU A 269 -0.60 25.35 -2.89
C LEU A 269 -0.65 26.18 -4.16
N PRO A 270 -0.26 25.59 -5.30
CA PRO A 270 -0.38 26.31 -6.58
C PRO A 270 -1.83 26.69 -6.87
N PRO A 271 -2.13 28.00 -6.91
CA PRO A 271 -3.53 28.39 -7.13
C PRO A 271 -4.09 27.93 -8.48
N GLU A 272 -3.22 27.75 -9.47
CA GLU A 272 -3.62 27.35 -10.83
C GLU A 272 -4.43 26.04 -10.85
N PHE A 273 -3.76 24.96 -10.49
CA PHE A 273 -4.36 23.63 -10.53
C PHE A 273 -5.48 23.46 -9.50
N THR A 274 -5.43 24.29 -8.47
CA THR A 274 -6.27 24.10 -7.28
C THR A 274 -7.45 25.06 -7.13
N ALA A 275 -7.69 25.89 -8.14
CA ALA A 275 -8.80 26.85 -8.09
C ALA A 275 -10.16 26.17 -8.00
N GLY A 276 -10.26 24.94 -8.50
CA GLY A 276 -11.55 24.27 -8.61
C GLY A 276 -12.04 23.64 -7.31
N LEU A 277 -11.17 23.58 -6.32
CA LEU A 277 -11.44 22.87 -5.05
C LEU A 277 -12.42 23.65 -4.19
N SER A 278 -13.24 22.93 -3.45
CA SER A 278 -14.16 23.58 -2.53
C SER A 278 -13.32 24.13 -1.39
N SER A 279 -13.86 25.12 -0.66
CA SER A 279 -13.17 25.63 0.52
C SER A 279 -12.91 24.51 1.52
N GLU A 280 -13.89 23.63 1.66
CA GLU A 280 -13.76 22.54 2.61
C GLU A 280 -12.60 21.61 2.24
N LEU A 281 -12.50 21.21 0.97
CA LEU A 281 -11.46 20.27 0.57
C LEU A 281 -10.09 20.95 0.61
N ARG A 282 -10.05 22.21 0.20
CA ARG A 282 -8.82 22.98 0.32
C ARG A 282 -8.35 23.03 1.76
N SER A 283 -9.25 23.36 2.67
CA SER A 283 -8.94 23.43 4.10
C SER A 283 -8.37 22.11 4.63
N VAL A 284 -8.95 21.02 4.19
CA VAL A 284 -8.51 19.73 4.67
C VAL A 284 -7.10 19.42 4.10
N LEU A 285 -6.86 19.70 2.84
CA LEU A 285 -5.53 19.51 2.28
C LEU A 285 -4.47 20.33 3.01
N VAL A 286 -4.80 21.55 3.40
CA VAL A 286 -3.84 22.41 4.08
C VAL A 286 -3.50 21.80 5.45
N MET A 287 -4.49 21.27 6.14
CA MET A 287 -4.26 20.58 7.41
C MET A 287 -3.29 19.40 7.23
N MET A 288 -3.47 18.66 6.14
CA MET A 288 -2.66 17.48 5.84
C MET A 288 -1.25 17.80 5.36
N LEU A 289 -1.07 18.93 4.70
CA LEU A 289 0.22 19.30 4.10
C LEU A 289 1.06 20.21 4.99
N GLU A 290 0.55 20.42 6.20
CA GLU A 290 1.23 21.24 7.19
C GLU A 290 2.70 20.81 7.28
N PRO A 291 3.66 21.73 7.06
CA PRO A 291 5.08 21.32 7.03
C PRO A 291 5.64 20.74 8.33
N ASP A 292 5.18 21.24 9.48
CA ASP A 292 5.67 20.80 10.77
C ASP A 292 4.88 19.58 11.21
N PRO A 293 5.53 18.40 11.25
CA PRO A 293 4.81 17.16 11.60
C PRO A 293 4.15 17.22 12.95
N LYS A 294 4.60 18.12 13.81
CA LYS A 294 4.03 18.23 15.16
C LYS A 294 2.74 18.99 15.13
N LEU A 295 2.54 19.81 14.10
CA LEU A 295 1.31 20.59 13.96
C LEU A 295 0.34 19.92 13.01
N ARG A 296 0.85 19.00 12.20
CA ARG A 296 0.05 18.39 11.15
C ARG A 296 -1.11 17.62 11.79
N ALA A 297 -2.27 17.70 11.15
CA ALA A 297 -3.46 17.02 11.64
C ALA A 297 -3.25 15.50 11.66
N THR A 298 -3.85 14.81 12.64
CA THR A 298 -3.80 13.34 12.64
C THR A 298 -4.99 12.77 11.84
N ALA A 299 -4.90 11.49 11.45
CA ALA A 299 -5.97 10.87 10.71
C ALA A 299 -7.25 10.88 11.56
N GLU A 300 -7.08 10.67 12.84
CA GLU A 300 -8.21 10.64 13.76
C GLU A 300 -8.93 12.00 13.84
N ALA A 301 -8.15 13.05 13.93
CA ALA A 301 -8.71 14.39 13.97
C ALA A 301 -9.44 14.73 12.69
N LEU A 302 -8.89 14.34 11.55
CA LEU A 302 -9.52 14.60 10.27
C LEU A 302 -10.87 13.84 10.14
N LEU A 303 -10.87 12.57 10.50
CA LEU A 303 -12.08 11.75 10.43
C LEU A 303 -13.16 12.26 11.36
N ALA A 304 -12.78 13.07 12.34
CA ALA A 304 -13.77 13.65 13.26
C ALA A 304 -14.31 14.98 12.75
N LEU A 305 -13.74 15.51 11.68
CA LEU A 305 -14.30 16.73 11.08
C LEU A 305 -15.71 16.45 10.59
N PRO A 306 -16.61 17.42 10.75
CA PRO A 306 -17.97 17.17 10.25
C PRO A 306 -18.02 16.81 8.78
N VAL A 307 -17.11 17.35 7.95
CA VAL A 307 -17.11 17.09 6.51
C VAL A 307 -16.75 15.62 6.16
N LEU A 308 -16.02 14.96 7.04
CA LEU A 308 -15.68 13.54 6.82
C LEU A 308 -16.56 12.60 7.68
N ARG A 309 -17.56 13.19 8.31
CA ARG A 309 -18.62 12.45 9.02
C ARG A 309 -20.00 12.82 8.46
N GLN A 310 -20.22 12.61 7.17
CA GLN A 310 -21.47 13.03 6.55
C GLN A 310 -22.69 12.17 6.94
CL CL B . 22.18 -11.48 1.65
CL CL C . 5.77 -20.41 -9.93
C1 EDO D . 11.62 -23.65 0.04
O1 EDO D . 11.53 -24.20 -1.28
C2 EDO D . 12.75 -22.60 0.09
O2 EDO D . 12.37 -21.44 -0.67
H11 EDO D . 10.67 -23.16 0.31
H12 EDO D . 11.82 -24.44 0.77
HO1 EDO D . 10.81 -24.85 -1.30
H21 EDO D . 12.94 -22.32 1.13
H22 EDO D . 13.67 -23.03 -0.32
HO2 EDO D . 13.08 -20.80 -0.64
C1 1N1 E . -4.81 -6.69 -5.54
C2 1N1 E . -3.56 -6.25 -5.98
C3 1N1 E . -2.27 -6.32 -5.26
N6 1N1 E . -8.54 -4.09 -15.38
C7 1N1 E . 1.25 -7.43 -1.80
C8 1N1 E . 0.91 -8.47 -2.64
C9 1N1 E . -0.24 -8.36 -3.41
C10 1N1 E . -0.69 -9.49 -4.30
C11 1N1 E . -5.81 -4.88 -9.74
C12 1N1 E . -6.71 -4.66 -10.78
C13 1N1 E . -6.24 -4.04 -11.93
C14 1N1 E . -4.12 -3.88 -11.00
C15 1N1 E . -2.71 -3.43 -11.12
C16 1N1 E . -6.44 -3.87 -14.31
C19 1N1 E . -8.51 -4.29 -12.97
C20 1N1 E . -8.69 -5.44 -15.94
C21 1N1 E . -9.49 -5.28 -17.22
N 1N1 E . -6.31 -5.54 -8.55
C 1N1 E . -5.41 -5.85 -7.51
N1 1N1 E . -5.78 -6.45 -6.41
S 1N1 E . -3.67 -5.53 -7.54
N2 1N1 E . -2.25 -7.09 -4.08
C4 1N1 E . -1.02 -7.19 -3.32
C5 1N1 E . -0.66 -6.15 -2.49
C6 1N1 E . 0.48 -6.26 -1.72
CL 1N1 E . -1.64 -4.72 -2.38
O 1N1 E . -1.27 -5.75 -5.71
N3 1N1 E . -4.95 -3.67 -12.00
N4 1N1 E . -4.53 -4.48 -9.87
N5 1N1 E . -7.13 -3.81 -13.05
C17 1N1 E . -7.29 -3.36 -15.40
C18 1N1 E . -9.31 -3.79 -14.16
O1 1N1 E . -8.84 -4.41 -18.08
H1 1N1 E . -4.96 -7.12 -4.68
H7 1N1 E . 2.07 -7.49 -1.28
H8 1N1 E . 1.46 -9.27 -2.67
H101 1N1 E . -1.60 -9.74 -4.07
H102 1N1 E . -0.09 -10.25 -4.18
H103 1N1 E . -0.65 -9.20 -5.23
H12 1N1 E . -7.63 -4.96 -10.71
H151 1N1 E . -2.57 -3.03 -12.00
H152 1N1 E . -2.51 -2.78 -10.42
H153 1N1 E . -2.13 -4.20 -11.03
H161 1N1 E . -6.21 -4.78 -14.50
H162 1N1 E . -5.62 -3.34 -14.26
H191 1N1 E . -8.92 -3.98 -12.15
H192 1N1 E . -8.52 -5.26 -12.97
H201 1N1 E . -9.18 -6.01 -15.32
H202 1N1 E . -7.80 -5.83 -16.14
H211 1N1 E . -10.36 -4.92 -17.00
H212 1N1 E . -9.58 -6.15 -17.65
HN 1N1 E . -7.04 -6.07 -8.65
HN2 1N1 E . -3.01 -7.49 -3.79
H6 1N1 E . 0.75 -5.52 -1.14
H171 1N1 E . -6.85 -3.48 -16.25
H172 1N1 E . -7.47 -2.41 -15.27
H181 1N1 E . -10.16 -4.24 -14.19
H182 1N1 E . -9.44 -2.82 -14.08
HO1 1N1 E . -8.94 -3.58 -17.80
#